data_8YWP
#
_entry.id   8YWP
#
_cell.length_a   126.360
_cell.length_b   126.360
_cell.length_c   143.360
_cell.angle_alpha   90.000
_cell.angle_beta   90.000
_cell.angle_gamma   120.000
#
_symmetry.space_group_name_H-M   'P 62 2 2'
#
loop_
_entity.id
_entity.type
_entity.pdbx_description
1 polymer 'Heavy chain of the Fab fragment of anti-IL-6 antibody I9H'
2 polymer 'Light chain of the Fab fragment of anti-IL-6 antibody I9H'
3 non-polymer GLYCEROL
4 non-polymer 'TRIETHYLENE GLYCOL'
5 water water
#
loop_
_entity_poly.entity_id
_entity_poly.type
_entity_poly.pdbx_seq_one_letter_code
_entity_poly.pdbx_strand_id
1 'polypeptide(L)'
;QITLKESGPALVKPTQTLTLTCTFSGFSLSTSGMGVGWIRQPPGKALEWLAHIWWDDDKYYNPSLKSRLTISKDTSKNQV
VLTMTNMDPVDTATYYCARRANYGTSYDYGMDYWGQGTLVTVSSASTKGPSVFPLAPSSKSTSGGTAALGCLVKDYFPEP
VTVSWNSGALTSGVHTFPAVLQSSGLYSLSSVVTVPSSSLGTQTYICNVNHKPSNTKVDKKVEPKSCDKTH
;
H
2 'polypeptide(L)'
;DVVMTQSPSSLSASVGDRVTITCKASQSVSDVLTWYQQKPGKAPKLLIYYASNRYTGVPSRFSGSGSGTDFTLTISSLQP
EDFATYYCQQGYRSPYTFGGGTKLEIKRTVAAPSVFIFPPSDEQLKSGTASVVCLLNNFYPREAKVQWKVDNALQSGNSQ
ESVTEQDSKDSTYSLSSTLTLSKADYEKHKVYACEVTHQGLSSPVTKSFNRGEC
;
L
#
loop_
_chem_comp.id
_chem_comp.type
_chem_comp.name
_chem_comp.formula
GOL non-polymer GLYCEROL 'C3 H8 O3'
PGE non-polymer 'TRIETHYLENE GLYCOL' 'C6 H14 O4'
#
# COMPACT_ATOMS: atom_id res chain seq x y z
N GLN A 1 25.87 -3.71 1.77
CA GLN A 1 25.05 -4.13 0.63
C GLN A 1 24.51 -2.92 -0.14
N ILE A 2 23.92 -3.19 -1.30
CA ILE A 2 23.38 -2.13 -2.16
C ILE A 2 22.06 -1.65 -1.59
N THR A 3 21.95 -0.34 -1.34
CA THR A 3 20.75 0.25 -0.78
C THR A 3 20.45 1.58 -1.48
N LEU A 4 19.19 1.97 -1.42
CA LEU A 4 18.75 3.29 -1.87
C LEU A 4 17.64 3.76 -0.94
N LYS A 5 17.73 5.01 -0.50
CA LYS A 5 16.81 5.54 0.50
C LYS A 5 16.35 6.94 0.09
N GLU A 6 15.04 7.13 0.01
CA GLU A 6 14.48 8.43 -0.36
C GLU A 6 14.19 9.25 0.90
N SER A 7 14.46 10.56 0.81
CA SER A 7 14.20 11.48 1.90
C SER A 7 13.63 12.77 1.35
N GLY A 8 12.71 13.36 2.10
CA GLY A 8 12.09 14.60 1.72
C GLY A 8 10.89 14.89 2.59
N PRO A 9 10.27 16.07 2.40
CA PRO A 9 9.10 16.41 3.21
C PRO A 9 7.89 15.57 2.83
N ALA A 10 7.16 15.13 3.85
CA ALA A 10 5.89 14.45 3.60
C ALA A 10 4.78 15.40 3.19
N LEU A 11 5.05 16.70 3.21
CA LEU A 11 4.02 17.70 2.95
C LEU A 11 4.63 18.87 2.22
N VAL A 12 4.04 19.24 1.08
CA VAL A 12 4.46 20.40 0.31
C VAL A 12 3.21 21.18 -0.07
N LYS A 13 3.21 22.48 0.22
CA LYS A 13 2.07 23.31 -0.12
C LYS A 13 2.01 23.53 -1.63
N PRO A 14 0.82 23.78 -2.17
CA PRO A 14 0.71 24.05 -3.61
C PRO A 14 1.59 25.22 -4.05
N THR A 15 1.99 25.18 -5.32
CA THR A 15 2.85 26.17 -5.98
C THR A 15 4.27 26.19 -5.45
N GLN A 16 4.53 25.51 -4.33
CA GLN A 16 5.85 25.51 -3.73
C GLN A 16 6.71 24.40 -4.32
N THR A 17 7.98 24.36 -3.93
CA THR A 17 8.97 23.49 -4.54
C THR A 17 9.26 22.29 -3.65
N LEU A 18 9.29 21.11 -4.25
CA LEU A 18 9.65 19.87 -3.57
C LEU A 18 11.12 19.54 -3.84
N THR A 19 11.83 19.15 -2.79
CA THR A 19 13.22 18.71 -2.91
C THR A 19 13.36 17.33 -2.28
N LEU A 20 13.79 16.36 -3.09
CA LEU A 20 13.95 14.99 -2.64
C LEU A 20 15.41 14.59 -2.70
N THR A 21 15.78 13.65 -1.83
CA THR A 21 17.16 13.20 -1.68
C THR A 21 17.20 11.68 -1.71
N CYS A 22 18.07 11.13 -2.54
CA CYS A 22 18.31 9.69 -2.61
C CYS A 22 19.73 9.41 -2.13
N THR A 23 19.84 8.64 -1.06
CA THR A 23 21.11 8.27 -0.47
C THR A 23 21.32 6.78 -0.65
N PHE A 24 22.53 6.39 -1.07
CA PHE A 24 22.81 5.02 -1.45
C PHE A 24 24.13 4.55 -0.86
N SER A 25 24.28 3.23 -0.81
CA SER A 25 25.50 2.56 -0.38
C SER A 25 25.67 1.30 -1.21
N GLY A 26 26.85 0.71 -1.13
CA GLY A 26 27.16 -0.48 -1.88
C GLY A 26 27.56 -0.25 -3.33
N PHE A 27 27.53 1.00 -3.79
CA PHE A 27 28.00 1.34 -5.12
C PHE A 27 28.35 2.82 -5.12
N SER A 28 29.02 3.25 -6.19
CA SER A 28 29.47 4.63 -6.32
C SER A 28 29.03 5.19 -7.67
N LEU A 29 28.59 6.45 -7.66
CA LEU A 29 28.24 7.12 -8.90
C LEU A 29 29.47 7.49 -9.72
N SER A 30 30.66 7.45 -9.12
CA SER A 30 31.88 7.72 -9.88
C SER A 30 32.19 6.59 -10.85
N THR A 31 31.79 5.36 -10.51
CA THR A 31 32.06 4.22 -11.36
C THR A 31 31.35 4.37 -12.70
N SER A 32 32.07 4.09 -13.78
CA SER A 32 31.51 4.22 -15.11
C SER A 32 30.36 3.23 -15.31
N GLY A 33 29.33 3.67 -16.03
CA GLY A 33 28.16 2.87 -16.25
C GLY A 33 27.11 2.94 -15.16
N MET A 34 27.35 3.70 -14.09
CA MET A 34 26.41 3.80 -12.99
C MET A 34 25.50 5.01 -13.18
N GLY A 35 24.30 4.92 -12.60
CA GLY A 35 23.35 6.00 -12.68
C GLY A 35 22.19 5.77 -11.72
N VAL A 36 21.52 6.88 -11.40
CA VAL A 36 20.35 6.85 -10.52
C VAL A 36 19.25 7.66 -11.18
N GLY A 37 18.01 7.15 -11.10
CA GLY A 37 16.86 7.83 -11.65
C GLY A 37 15.74 7.95 -10.63
N TRP A 38 14.69 8.66 -11.03
CA TRP A 38 13.53 8.89 -10.19
C TRP A 38 12.27 8.46 -10.91
N ILE A 39 11.39 7.79 -10.18
CA ILE A 39 10.09 7.35 -10.69
C ILE A 39 9.04 7.63 -9.62
N ARG A 40 7.88 8.10 -10.03
CA ARG A 40 6.80 8.38 -9.09
C ARG A 40 5.57 7.56 -9.44
N GLN A 41 4.71 7.36 -8.44
CA GLN A 41 3.51 6.54 -8.59
C GLN A 41 2.40 7.13 -7.72
N PRO A 42 1.44 7.82 -8.32
CA PRO A 42 0.27 8.24 -7.55
C PRO A 42 -0.46 7.03 -7.01
N PRO A 43 -1.11 7.17 -5.85
CA PRO A 43 -1.79 6.02 -5.23
C PRO A 43 -2.78 5.34 -6.17
N GLY A 44 -2.54 4.06 -6.45
CA GLY A 44 -3.38 3.30 -7.35
C GLY A 44 -3.18 3.57 -8.82
N LYS A 45 -2.20 4.38 -9.19
CA LYS A 45 -1.93 4.71 -10.58
C LYS A 45 -0.65 4.01 -11.03
N ALA A 46 -0.31 4.23 -12.31
CA ALA A 46 0.82 3.55 -12.91
C ALA A 46 2.12 4.30 -12.62
N LEU A 47 3.23 3.60 -12.81
CA LEU A 47 4.54 4.19 -12.62
C LEU A 47 4.85 5.19 -13.72
N GLU A 48 5.46 6.32 -13.35
CA GLU A 48 5.84 7.37 -14.29
C GLU A 48 7.29 7.75 -14.05
N TRP A 49 8.12 7.60 -15.07
CA TRP A 49 9.52 7.98 -14.96
C TRP A 49 9.67 9.50 -14.98
N LEU A 50 10.58 10.01 -14.15
CA LEU A 50 10.79 11.44 -14.01
C LEU A 50 12.11 11.91 -14.60
N ALA A 51 13.24 11.43 -14.05
CA ALA A 51 14.55 11.90 -14.48
C ALA A 51 15.57 10.82 -14.19
N HIS A 52 16.77 11.01 -14.75
CA HIS A 52 17.87 10.08 -14.54
C HIS A 52 19.19 10.83 -14.74
N ILE A 53 20.16 10.51 -13.89
CA ILE A 53 21.49 11.13 -13.95
C ILE A 53 22.52 10.02 -14.05
N TRP A 54 23.52 10.23 -14.90
CA TRP A 54 24.55 9.23 -15.14
C TRP A 54 25.83 9.57 -14.39
N TRP A 55 26.79 8.65 -14.46
CA TRP A 55 28.07 8.83 -13.77
C TRP A 55 28.81 10.06 -14.29
N ASP A 56 28.62 10.40 -15.57
CA ASP A 56 29.29 11.54 -16.18
C ASP A 56 28.45 12.80 -16.15
N ASP A 57 27.49 12.89 -15.21
CA ASP A 57 26.64 14.06 -15.02
C ASP A 57 25.72 14.31 -16.22
N ASP A 58 25.45 13.28 -17.01
CA ASP A 58 24.52 13.40 -18.14
C ASP A 58 23.10 13.27 -17.62
N LYS A 59 22.28 14.29 -17.85
CA LYS A 59 20.96 14.40 -17.25
C LYS A 59 19.87 14.18 -18.30
N TYR A 60 18.85 13.41 -17.92
CA TYR A 60 17.70 13.13 -18.78
C TYR A 60 16.42 13.34 -17.96
N TYR A 61 15.42 13.96 -18.59
CA TYR A 61 14.19 14.33 -17.91
C TYR A 61 12.99 13.86 -18.72
N ASN A 62 11.89 13.62 -18.01
CA ASN A 62 10.59 13.46 -18.66
C ASN A 62 10.27 14.72 -19.44
N PRO A 63 10.12 14.65 -20.77
CA PRO A 63 9.96 15.87 -21.57
C PRO A 63 8.81 16.78 -21.11
N SER A 64 7.70 16.21 -20.66
CA SER A 64 6.57 17.02 -20.23
C SER A 64 6.78 17.68 -18.88
N LEU A 65 7.77 17.23 -18.12
CA LEU A 65 8.05 17.79 -16.81
C LEU A 65 9.41 18.49 -16.73
N LYS A 66 10.15 18.57 -17.84
CA LYS A 66 11.51 19.07 -17.79
C LYS A 66 11.59 20.50 -17.27
N SER A 67 10.57 21.32 -17.57
CA SER A 67 10.60 22.71 -17.13
C SER A 67 10.49 22.86 -15.61
N ARG A 68 10.06 21.82 -14.91
CA ARG A 68 9.95 21.85 -13.46
C ARG A 68 11.00 21.01 -12.76
N LEU A 69 11.70 20.14 -13.48
CA LEU A 69 12.58 19.15 -12.87
C LEU A 69 14.03 19.58 -12.97
N THR A 70 14.77 19.38 -11.87
CA THR A 70 16.21 19.63 -11.81
C THR A 70 16.84 18.47 -11.06
N ILE A 71 17.74 17.75 -11.73
CA ILE A 71 18.42 16.61 -11.12
C ILE A 71 19.90 16.91 -11.01
N SER A 72 20.51 16.48 -9.91
CA SER A 72 21.92 16.73 -9.65
C SER A 72 22.45 15.60 -8.77
N LYS A 73 23.78 15.55 -8.64
CA LYS A 73 24.42 14.49 -7.89
C LYS A 73 25.63 15.02 -7.14
N ASP A 74 25.98 14.32 -6.06
CA ASP A 74 27.19 14.58 -5.28
C ASP A 74 27.81 13.22 -5.01
N THR A 75 28.80 12.84 -5.83
CA THR A 75 29.39 11.52 -5.74
C THR A 75 30.06 11.30 -4.39
N SER A 76 30.72 12.33 -3.86
CA SER A 76 31.46 12.18 -2.61
C SER A 76 30.53 11.82 -1.45
N LYS A 77 29.35 12.43 -1.41
CA LYS A 77 28.39 12.20 -0.33
C LYS A 77 27.42 11.07 -0.63
N ASN A 78 27.54 10.41 -1.78
CA ASN A 78 26.64 9.33 -2.20
C ASN A 78 25.18 9.80 -2.16
N GLN A 79 24.91 10.86 -2.92
CA GLN A 79 23.62 11.52 -2.87
C GLN A 79 23.20 11.97 -4.26
N VAL A 80 21.91 11.82 -4.55
CA VAL A 80 21.29 12.38 -5.74
C VAL A 80 20.10 13.21 -5.29
N VAL A 81 19.91 14.37 -5.91
CA VAL A 81 18.88 15.33 -5.52
C VAL A 81 18.00 15.64 -6.72
N LEU A 82 16.69 15.61 -6.50
CA LEU A 82 15.71 15.99 -7.51
C LEU A 82 14.88 17.16 -6.99
N THR A 83 14.71 18.19 -7.81
CA THR A 83 13.98 19.39 -7.44
C THR A 83 12.83 19.59 -8.40
N MET A 84 11.62 19.73 -7.85
CA MET A 84 10.40 19.85 -8.65
C MET A 84 9.64 21.08 -8.20
N THR A 85 9.43 22.02 -9.13
CA THR A 85 8.84 23.31 -8.83
C THR A 85 7.35 23.34 -9.17
N ASN A 86 6.66 24.30 -8.56
CA ASN A 86 5.23 24.54 -8.78
C ASN A 86 4.42 23.26 -8.54
N MET A 87 4.58 22.72 -7.34
CA MET A 87 3.91 21.47 -7.00
C MET A 87 2.39 21.65 -6.98
N ASP A 88 1.71 20.82 -7.73
CA ASP A 88 0.27 20.71 -7.93
C ASP A 88 -0.28 19.54 -7.12
N PRO A 89 -1.53 19.62 -6.65
CA PRO A 89 -2.12 18.47 -5.95
C PRO A 89 -2.03 17.16 -6.72
N VAL A 90 -2.09 17.18 -8.05
CA VAL A 90 -1.93 15.96 -8.83
C VAL A 90 -0.53 15.37 -8.71
N ASP A 91 0.43 16.12 -8.18
CA ASP A 91 1.78 15.60 -7.97
C ASP A 91 1.90 14.76 -6.71
N THR A 92 0.81 14.60 -5.95
CA THR A 92 0.84 13.73 -4.78
C THR A 92 1.08 12.28 -5.22
N ALA A 93 2.18 11.70 -4.75
CA ALA A 93 2.57 10.37 -5.22
C ALA A 93 3.68 9.84 -4.32
N THR A 94 3.97 8.55 -4.50
CA THR A 94 5.14 7.93 -3.91
C THR A 94 6.30 8.09 -4.87
N TYR A 95 7.40 8.66 -4.40
CA TYR A 95 8.56 8.96 -5.22
C TYR A 95 9.68 7.97 -4.92
N TYR A 96 10.10 7.22 -5.95
CA TYR A 96 11.15 6.23 -5.84
C TYR A 96 12.42 6.72 -6.52
N CYS A 97 13.56 6.23 -6.04
CA CYS A 97 14.80 6.28 -6.79
C CYS A 97 15.30 4.86 -7.03
N ALA A 98 15.91 4.66 -8.19
CA ALA A 98 16.42 3.35 -8.60
C ALA A 98 17.73 3.55 -9.33
N ARG A 99 18.56 2.51 -9.34
CA ARG A 99 19.91 2.63 -9.86
C ARG A 99 20.11 1.70 -11.06
N ARG A 100 20.92 2.16 -12.01
CA ARG A 100 21.36 1.38 -13.15
C ARG A 100 22.85 1.09 -13.00
N ALA A 101 23.30 0.03 -13.67
CA ALA A 101 24.71 -0.34 -13.61
C ALA A 101 25.13 -0.99 -14.92
N ASN A 102 26.42 -0.83 -15.24
CA ASN A 102 27.04 -1.47 -16.40
C ASN A 102 26.29 -1.10 -17.69
N TYR A 103 26.05 0.20 -17.86
CA TYR A 103 25.15 0.69 -18.89
C TYR A 103 25.47 0.11 -20.27
N GLY A 104 24.42 -0.32 -20.98
CA GLY A 104 24.55 -0.72 -22.36
C GLY A 104 25.25 -2.03 -22.62
N THR A 105 25.57 -2.79 -21.58
CA THR A 105 26.24 -4.08 -21.73
C THR A 105 25.27 -5.21 -21.43
N SER A 106 25.78 -6.44 -21.52
CA SER A 106 24.99 -7.61 -21.19
C SER A 106 24.74 -7.74 -19.70
N TYR A 107 25.46 -7.00 -18.86
CA TYR A 107 25.27 -7.01 -17.43
C TYR A 107 24.43 -5.83 -16.95
N ASP A 108 23.84 -5.08 -17.88
CA ASP A 108 22.92 -3.99 -17.53
C ASP A 108 21.52 -4.61 -17.39
N TYR A 109 21.18 -4.97 -16.15
CA TYR A 109 19.90 -5.58 -15.85
C TYR A 109 18.76 -4.57 -15.72
N GLY A 110 18.98 -3.32 -16.15
CA GLY A 110 17.96 -2.33 -15.97
C GLY A 110 17.92 -1.83 -14.54
N MET A 111 16.78 -1.24 -14.18
CA MET A 111 16.58 -0.75 -12.82
C MET A 111 16.26 -1.93 -11.91
N ASP A 112 17.34 -2.59 -11.45
CA ASP A 112 17.20 -3.79 -10.64
C ASP A 112 17.12 -3.49 -9.14
N TYR A 113 17.57 -2.32 -8.69
CA TYR A 113 17.53 -1.95 -7.29
C TYR A 113 16.74 -0.66 -7.12
N TRP A 114 15.73 -0.71 -6.24
CA TRP A 114 14.88 0.43 -5.96
C TRP A 114 14.95 0.79 -4.48
N GLY A 115 14.59 2.03 -4.18
CA GLY A 115 14.40 2.44 -2.80
C GLY A 115 13.00 2.09 -2.32
N GLN A 116 12.77 2.34 -1.03
CA GLN A 116 11.46 2.08 -0.46
C GLN A 116 10.41 3.05 -0.99
N GLY A 117 10.84 4.25 -1.39
CA GLY A 117 9.92 5.30 -1.79
C GLY A 117 9.52 6.17 -0.61
N THR A 118 9.20 7.42 -0.91
CA THR A 118 8.73 8.37 0.09
C THR A 118 7.47 9.05 -0.44
N LEU A 119 6.46 9.15 0.42
CA LEU A 119 5.17 9.70 0.03
C LEU A 119 5.16 11.21 0.25
N VAL A 120 4.81 11.96 -0.80
CA VAL A 120 4.74 13.41 -0.76
C VAL A 120 3.31 13.81 -1.07
N THR A 121 2.69 14.55 -0.17
CA THR A 121 1.32 15.02 -0.32
C THR A 121 1.32 16.52 -0.57
N VAL A 122 0.74 16.94 -1.70
CA VAL A 122 0.63 18.35 -2.04
C VAL A 122 -0.67 18.88 -1.44
N SER A 123 -0.56 19.65 -0.37
CA SER A 123 -1.73 20.13 0.36
C SER A 123 -1.33 21.33 1.20
N SER A 124 -2.31 22.16 1.52
CA SER A 124 -2.09 23.32 2.38
C SER A 124 -2.41 23.04 3.84
N ALA A 125 -3.00 21.89 4.16
CA ALA A 125 -3.37 21.59 5.52
C ALA A 125 -2.13 21.41 6.39
N SER A 126 -2.34 21.54 7.70
CA SER A 126 -1.26 21.43 8.66
C SER A 126 -1.03 19.96 9.04
N THR A 127 0.19 19.68 9.48
CA THR A 127 0.50 18.37 10.03
C THR A 127 -0.21 18.18 11.36
N LYS A 128 -0.75 16.98 11.58
CA LYS A 128 -1.40 16.65 12.84
C LYS A 128 -1.09 15.21 13.21
N GLY A 129 -0.70 15.00 14.48
CA GLY A 129 -0.43 13.68 14.98
C GLY A 129 -1.70 12.90 15.26
N PRO A 130 -1.60 11.58 15.27
CA PRO A 130 -2.78 10.75 15.49
C PRO A 130 -3.03 10.44 16.95
N SER A 131 -4.30 10.16 17.25
CA SER A 131 -4.69 9.54 18.50
C SER A 131 -4.83 8.04 18.29
N VAL A 132 -4.36 7.26 19.27
CA VAL A 132 -4.33 5.81 19.16
C VAL A 132 -5.22 5.23 20.25
N PHE A 133 -6.30 4.55 19.83
CA PHE A 133 -7.25 3.96 20.76
C PHE A 133 -7.27 2.46 20.60
N PRO A 134 -7.52 1.72 21.68
CA PRO A 134 -7.53 0.26 21.60
C PRO A 134 -8.87 -0.29 21.10
N LEU A 135 -8.79 -1.45 20.46
CA LEU A 135 -9.95 -2.24 20.06
C LEU A 135 -9.90 -3.52 20.86
N ALA A 136 -10.61 -3.54 21.99
CA ALA A 136 -10.45 -4.61 22.97
C ALA A 136 -11.00 -5.93 22.42
N PRO A 137 -10.37 -7.07 22.76
CA PRO A 137 -10.83 -8.36 22.23
C PRO A 137 -12.22 -8.74 22.71
N SER A 138 -12.40 -8.83 24.02
CA SER A 138 -13.67 -9.23 24.61
C SER A 138 -13.75 -8.81 26.07
N GLY A 144 -13.50 -21.35 23.69
CA GLY A 144 -12.47 -20.37 23.36
C GLY A 144 -11.80 -20.63 22.02
N GLY A 145 -12.37 -20.09 20.95
CA GLY A 145 -11.77 -20.19 19.64
C GLY A 145 -10.73 -19.12 19.40
N THR A 146 -10.91 -18.33 18.35
CA THR A 146 -10.03 -17.20 18.07
C THR A 146 -10.71 -15.90 18.45
N ALA A 147 -9.89 -14.88 18.72
CA ALA A 147 -10.36 -13.56 19.07
C ALA A 147 -9.63 -12.51 18.25
N ALA A 148 -10.28 -11.36 18.09
CA ALA A 148 -9.74 -10.26 17.29
C ALA A 148 -9.58 -9.04 18.18
N LEU A 149 -8.39 -8.43 18.13
CA LEU A 149 -8.11 -7.17 18.79
C LEU A 149 -7.43 -6.25 17.79
N GLY A 150 -7.28 -4.99 18.15
CA GLY A 150 -6.67 -4.06 17.23
C GLY A 150 -6.46 -2.70 17.83
N CYS A 151 -6.07 -1.75 16.97
CA CYS A 151 -5.84 -0.38 17.36
C CYS A 151 -6.45 0.56 16.33
N LEU A 152 -7.05 1.65 16.83
CA LEU A 152 -7.61 2.68 15.98
C LEU A 152 -6.65 3.86 15.94
N VAL A 153 -6.23 4.25 14.74
CA VAL A 153 -5.29 5.34 14.52
C VAL A 153 -6.06 6.45 13.83
N LYS A 154 -6.46 7.47 14.59
CA LYS A 154 -7.47 8.42 14.16
C LYS A 154 -6.93 9.84 14.15
N ASP A 155 -7.41 10.63 13.18
CA ASP A 155 -7.22 12.08 13.13
C ASP A 155 -5.73 12.44 13.01
N TYR A 156 -5.17 12.10 11.85
CA TYR A 156 -3.80 12.48 11.53
C TYR A 156 -3.75 12.98 10.09
N PHE A 157 -2.67 13.69 9.78
CA PHE A 157 -2.44 14.25 8.46
C PHE A 157 -0.98 14.68 8.33
N PRO A 158 -0.32 14.39 7.20
CA PRO A 158 -0.89 13.60 6.10
C PRO A 158 -0.56 12.11 6.24
N GLU A 159 -0.91 11.33 5.22
CA GLU A 159 -0.38 9.99 5.11
C GLU A 159 1.15 10.07 4.97
N PRO A 160 1.88 9.02 5.34
CA PRO A 160 1.45 7.69 5.79
C PRO A 160 1.53 7.46 7.30
N VAL A 161 1.02 6.32 7.72
CA VAL A 161 1.19 5.81 9.07
C VAL A 161 1.63 4.35 8.96
N THR A 162 2.64 3.98 9.74
CA THR A 162 3.10 2.61 9.82
C THR A 162 2.62 1.99 11.13
N VAL A 163 2.13 0.76 11.07
CA VAL A 163 1.65 0.05 12.25
C VAL A 163 2.29 -1.33 12.26
N SER A 164 2.99 -1.63 13.35
CA SER A 164 3.51 -2.97 13.62
C SER A 164 2.96 -3.45 14.95
N TRP A 165 3.04 -4.76 15.17
CA TRP A 165 2.54 -5.38 16.40
C TRP A 165 3.68 -6.09 17.10
N ASN A 166 3.87 -5.76 18.37
CA ASN A 166 4.94 -6.34 19.19
C ASN A 166 6.30 -6.14 18.54
N SER A 167 6.51 -4.95 17.97
CA SER A 167 7.78 -4.56 17.37
C SER A 167 8.19 -5.52 16.25
N GLY A 168 7.21 -5.92 15.44
CA GLY A 168 7.46 -6.81 14.33
C GLY A 168 7.42 -8.29 14.66
N ALA A 169 7.37 -8.65 15.95
CA ALA A 169 7.34 -10.06 16.31
C ALA A 169 6.02 -10.72 15.94
N LEU A 170 4.94 -9.95 15.81
CA LEU A 170 3.62 -10.47 15.48
C LEU A 170 3.24 -9.99 14.09
N THR A 171 3.19 -10.92 13.13
CA THR A 171 2.88 -10.57 11.76
C THR A 171 1.78 -11.47 11.20
N SER A 172 1.67 -12.69 11.73
CA SER A 172 0.67 -13.64 11.25
C SER A 172 -0.72 -13.18 11.66
N GLY A 173 -1.61 -13.03 10.68
CA GLY A 173 -2.97 -12.64 10.95
C GLY A 173 -3.21 -11.15 11.06
N VAL A 174 -2.19 -10.33 10.90
CA VAL A 174 -2.34 -8.88 11.04
C VAL A 174 -3.00 -8.33 9.77
N HIS A 175 -3.93 -7.40 9.96
CA HIS A 175 -4.55 -6.67 8.86
C HIS A 175 -4.51 -5.18 9.20
N THR A 176 -3.68 -4.44 8.48
CA THR A 176 -3.63 -2.99 8.60
C THR A 176 -4.39 -2.40 7.41
N PHE A 177 -5.47 -1.67 7.69
CA PHE A 177 -6.33 -1.26 6.61
C PHE A 177 -5.90 0.07 6.01
N PRO A 178 -6.11 0.25 4.71
CA PRO A 178 -5.77 1.54 4.08
C PRO A 178 -6.55 2.68 4.71
N ALA A 179 -5.86 3.80 4.93
CA ALA A 179 -6.49 4.94 5.57
C ALA A 179 -7.61 5.50 4.72
N VAL A 180 -8.57 6.13 5.39
CA VAL A 180 -9.67 6.83 4.73
C VAL A 180 -9.63 8.29 5.14
N LEU A 181 -9.80 9.17 4.17
CA LEU A 181 -9.89 10.60 4.46
C LEU A 181 -11.27 10.88 5.04
N GLN A 182 -11.32 11.24 6.32
CA GLN A 182 -12.59 11.50 6.98
C GLN A 182 -13.14 12.86 6.54
N SER A 183 -14.40 13.10 6.90
CA SER A 183 -15.04 14.37 6.53
C SER A 183 -14.33 15.57 7.13
N SER A 184 -13.52 15.37 8.16
CA SER A 184 -12.78 16.46 8.79
C SER A 184 -11.49 16.81 8.06
N GLY A 185 -11.16 16.10 6.99
CA GLY A 185 -9.91 16.29 6.31
C GLY A 185 -8.73 15.58 6.93
N LEU A 186 -8.95 14.82 8.00
CA LEU A 186 -7.91 14.04 8.65
C LEU A 186 -8.09 12.57 8.29
N TYR A 187 -6.97 11.84 8.29
CA TYR A 187 -7.00 10.43 7.95
C TYR A 187 -7.29 9.58 9.19
N SER A 188 -7.76 8.37 8.95
CA SER A 188 -8.00 7.41 10.01
C SER A 188 -7.94 6.02 9.43
N LEU A 189 -7.29 5.10 10.16
CA LEU A 189 -7.24 3.69 9.79
C LEU A 189 -7.33 2.87 11.06
N SER A 190 -7.30 1.55 10.88
CA SER A 190 -7.22 0.62 11.99
C SER A 190 -6.34 -0.54 11.58
N SER A 191 -5.79 -1.21 12.59
CA SER A 191 -4.96 -2.40 12.39
C SER A 191 -5.41 -3.46 13.36
N VAL A 192 -5.83 -4.61 12.85
CA VAL A 192 -6.36 -5.69 13.66
C VAL A 192 -5.48 -6.92 13.48
N VAL A 193 -5.60 -7.84 14.42
CA VAL A 193 -4.87 -9.10 14.37
C VAL A 193 -5.74 -10.20 14.99
N THR A 194 -5.73 -11.37 14.35
CA THR A 194 -6.46 -12.53 14.83
C THR A 194 -5.52 -13.39 15.67
N VAL A 195 -5.91 -13.64 16.92
CA VAL A 195 -5.10 -14.43 17.84
C VAL A 195 -5.99 -15.42 18.56
N PRO A 196 -5.42 -16.51 19.07
CA PRO A 196 -6.23 -17.46 19.86
C PRO A 196 -6.68 -16.85 21.17
N SER A 197 -7.87 -17.26 21.61
CA SER A 197 -8.43 -16.74 22.86
C SER A 197 -7.58 -17.15 24.06
N SER A 198 -6.94 -18.31 23.99
CA SER A 198 -6.15 -18.79 25.13
C SER A 198 -4.98 -17.87 25.43
N SER A 199 -4.43 -17.19 24.41
CA SER A 199 -3.28 -16.32 24.63
C SER A 199 -3.66 -15.01 25.31
N LEU A 200 -4.94 -14.66 25.37
CA LEU A 200 -5.34 -13.37 25.91
C LEU A 200 -4.90 -13.20 27.35
N GLY A 201 -4.87 -14.28 28.14
CA GLY A 201 -4.47 -14.16 29.53
C GLY A 201 -2.98 -14.07 29.73
N THR A 202 -2.19 -14.64 28.82
CA THR A 202 -0.74 -14.70 28.94
C THR A 202 -0.01 -13.79 27.97
N GLN A 203 -0.44 -13.71 26.71
CA GLN A 203 0.30 -12.98 25.70
C GLN A 203 -0.06 -11.50 25.71
N THR A 204 0.96 -10.65 25.57
CA THR A 204 0.79 -9.21 25.53
C THR A 204 0.79 -8.73 24.08
N TYR A 205 -0.12 -7.80 23.77
CA TYR A 205 -0.27 -7.28 22.43
C TYR A 205 -0.15 -5.76 22.45
N ILE A 206 0.87 -5.24 21.77
CA ILE A 206 1.16 -3.81 21.71
C ILE A 206 1.25 -3.41 20.24
N CYS A 207 0.40 -2.47 19.82
CA CYS A 207 0.47 -1.93 18.47
C CYS A 207 1.44 -0.76 18.45
N ASN A 208 2.42 -0.83 17.55
CA ASN A 208 3.46 0.18 17.46
C ASN A 208 3.09 1.13 16.33
N VAL A 209 2.43 2.23 16.68
CA VAL A 209 1.99 3.22 15.69
C VAL A 209 3.09 4.25 15.53
N ASN A 210 3.39 4.60 14.28
CA ASN A 210 4.43 5.58 13.97
C ASN A 210 3.92 6.47 12.85
N HIS A 211 3.87 7.78 13.12
CA HIS A 211 3.47 8.79 12.14
C HIS A 211 4.63 9.78 12.04
N LYS A 212 5.49 9.59 11.05
CA LYS A 212 6.70 10.37 10.89
C LYS A 212 6.46 11.83 10.48
N PRO A 213 5.45 12.16 9.66
CA PRO A 213 5.20 13.58 9.37
C PRO A 213 5.09 14.47 10.60
N SER A 214 4.48 13.98 11.68
CA SER A 214 4.39 14.73 12.93
C SER A 214 5.43 14.28 13.96
N ASN A 215 6.29 13.31 13.59
CA ASN A 215 7.31 12.78 14.49
C ASN A 215 6.67 12.20 15.76
N THR A 216 5.59 11.45 15.58
CA THR A 216 4.82 10.87 16.67
C THR A 216 5.01 9.37 16.69
N LYS A 217 5.32 8.83 17.87
CA LYS A 217 5.44 7.39 18.09
C LYS A 217 4.58 7.00 19.27
N VAL A 218 3.72 6.00 19.07
CA VAL A 218 2.81 5.54 20.11
C VAL A 218 2.89 4.02 20.19
N ASP A 219 3.27 3.52 21.37
CA ASP A 219 3.19 2.10 21.68
C ASP A 219 1.99 1.91 22.60
N LYS A 220 0.98 1.19 22.11
CA LYS A 220 -0.30 1.07 22.81
C LYS A 220 -0.58 -0.39 23.09
N LYS A 221 -0.63 -0.76 24.37
CA LYS A 221 -0.98 -2.12 24.75
C LYS A 221 -2.50 -2.30 24.71
N VAL A 222 -2.94 -3.36 24.04
CA VAL A 222 -4.35 -3.66 23.90
C VAL A 222 -4.71 -4.69 24.98
N GLU A 223 -5.51 -4.27 25.96
CA GLU A 223 -5.98 -5.02 27.11
C GLU A 223 -7.39 -5.54 26.88
N PRO A 224 -7.70 -6.73 27.37
CA PRO A 224 -9.11 -7.17 27.38
C PRO A 224 -9.93 -6.27 28.28
N LYS A 225 -11.16 -5.99 27.85
CA LYS A 225 -12.01 -5.07 28.60
C LYS A 225 -12.76 -5.81 29.69
N SER A 226 -12.88 -5.17 30.85
CA SER A 226 -13.66 -5.69 31.96
C SER A 226 -15.04 -5.04 31.95
N CYS A 227 -15.93 -5.58 32.79
CA CYS A 227 -17.28 -5.06 32.89
C CYS A 227 -17.54 -4.28 34.17
N ASP A 228 -16.53 -4.11 35.02
CA ASP A 228 -16.63 -3.17 36.11
C ASP A 228 -16.20 -1.79 35.64
N LYS A 229 -16.68 -0.76 36.33
CA LYS A 229 -16.55 0.62 35.90
C LYS A 229 -17.20 0.82 34.52
N THR A 230 -18.52 0.69 34.52
CA THR A 230 -19.34 0.83 33.32
C THR A 230 -20.42 1.86 33.60
N HIS A 231 -20.10 3.13 33.36
CA HIS A 231 -21.05 4.22 33.59
C HIS A 231 -21.09 5.17 32.40
N ASP B 1 6.99 10.10 -27.72
CA ASP B 1 7.51 9.10 -26.80
C ASP B 1 7.03 7.70 -27.17
N VAL B 2 7.73 6.69 -26.67
CA VAL B 2 7.35 5.30 -26.91
C VAL B 2 6.22 4.93 -25.97
N VAL B 3 5.07 4.55 -26.53
CA VAL B 3 3.90 4.19 -25.75
C VAL B 3 3.88 2.68 -25.58
N MET B 4 3.82 2.23 -24.33
CA MET B 4 3.71 0.81 -24.00
C MET B 4 2.26 0.51 -23.66
N THR B 5 1.60 -0.31 -24.48
CA THR B 5 0.21 -0.67 -24.27
C THR B 5 0.14 -2.08 -23.72
N GLN B 6 -0.39 -2.21 -22.50
CA GLN B 6 -0.41 -3.46 -21.76
C GLN B 6 -1.84 -3.98 -21.66
N SER B 7 -1.99 -5.31 -21.71
CA SER B 7 -3.29 -5.95 -21.66
C SER B 7 -3.17 -7.35 -21.08
N PRO B 8 -4.17 -7.81 -20.29
CA PRO B 8 -5.34 -7.01 -19.91
C PRO B 8 -5.01 -6.09 -18.74
N SER B 9 -5.84 -5.08 -18.49
CA SER B 9 -5.58 -4.17 -17.37
C SER B 9 -5.72 -4.91 -16.03
N SER B 10 -6.58 -5.91 -15.96
CA SER B 10 -6.71 -6.73 -14.77
C SER B 10 -7.12 -8.14 -15.18
N LEU B 11 -6.81 -9.10 -14.32
CA LEU B 11 -7.05 -10.50 -14.63
C LEU B 11 -7.25 -11.27 -13.34
N SER B 12 -8.17 -12.24 -13.37
CA SER B 12 -8.43 -13.13 -12.25
C SER B 12 -8.33 -14.56 -12.75
N ALA B 13 -7.30 -15.29 -12.28
CA ALA B 13 -7.05 -16.65 -12.72
C ALA B 13 -6.78 -17.53 -11.51
N SER B 14 -7.02 -18.82 -11.68
CA SER B 14 -6.91 -19.77 -10.58
C SER B 14 -5.46 -20.18 -10.34
N VAL B 15 -5.21 -20.73 -9.15
CA VAL B 15 -3.90 -21.30 -8.85
C VAL B 15 -3.64 -22.47 -9.79
N GLY B 16 -2.49 -22.44 -10.47
CA GLY B 16 -2.12 -23.45 -11.41
C GLY B 16 -2.40 -23.10 -12.85
N ASP B 17 -3.22 -22.08 -13.11
CA ASP B 17 -3.51 -21.66 -14.46
C ASP B 17 -2.25 -21.10 -15.13
N ARG B 18 -2.33 -20.97 -16.45
CA ARG B 18 -1.25 -20.40 -17.25
C ARG B 18 -1.63 -18.98 -17.63
N VAL B 19 -0.87 -18.00 -17.15
CA VAL B 19 -1.18 -16.59 -17.32
C VAL B 19 -0.28 -15.99 -18.39
N THR B 20 -0.86 -15.24 -19.31
CA THR B 20 -0.11 -14.55 -20.35
C THR B 20 -0.49 -13.08 -20.33
N ILE B 21 0.52 -12.21 -20.19
CA ILE B 21 0.33 -10.76 -20.17
C ILE B 21 1.01 -10.18 -21.40
N THR B 22 0.31 -9.28 -22.09
CA THR B 22 0.76 -8.73 -23.36
C THR B 22 1.17 -7.27 -23.19
N CYS B 23 2.27 -6.90 -23.85
CA CYS B 23 2.76 -5.54 -23.85
C CYS B 23 3.16 -5.17 -25.27
N LYS B 24 2.51 -4.16 -25.83
CA LYS B 24 2.74 -3.72 -27.20
C LYS B 24 3.33 -2.31 -27.21
N ALA B 25 4.44 -2.14 -27.92
CA ALA B 25 5.11 -0.86 -28.04
C ALA B 25 4.67 -0.15 -29.31
N SER B 26 4.43 1.17 -29.20
CA SER B 26 4.02 1.96 -30.36
C SER B 26 5.11 2.08 -31.42
N GLN B 27 6.35 1.74 -31.08
CA GLN B 27 7.44 1.68 -32.04
C GLN B 27 8.45 0.67 -31.53
N SER B 28 9.35 0.25 -32.43
CA SER B 28 10.30 -0.80 -32.09
C SER B 28 11.20 -0.37 -30.93
N VAL B 29 11.32 -1.26 -29.94
CA VAL B 29 12.20 -1.04 -28.81
C VAL B 29 13.24 -2.16 -28.71
N SER B 30 13.46 -2.88 -29.81
CA SER B 30 14.44 -3.98 -29.89
C SER B 30 14.05 -5.02 -28.84
N ASP B 31 14.97 -5.50 -28.01
CA ASP B 31 14.65 -6.40 -26.92
C ASP B 31 14.91 -5.75 -25.55
N VAL B 32 15.00 -4.42 -25.51
CA VAL B 32 15.28 -3.72 -24.27
C VAL B 32 13.97 -3.51 -23.51
N LEU B 33 13.41 -4.59 -22.98
CA LEU B 33 12.17 -4.54 -22.23
C LEU B 33 12.38 -5.12 -20.85
N THR B 34 11.70 -4.54 -19.85
CA THR B 34 11.78 -4.97 -18.47
C THR B 34 10.39 -5.31 -17.96
N TRP B 35 10.29 -6.39 -17.19
CA TRP B 35 9.04 -6.78 -16.54
C TRP B 35 9.19 -6.66 -15.03
N TYR B 36 8.24 -5.96 -14.39
CA TYR B 36 8.25 -5.79 -12.95
C TYR B 36 7.05 -6.49 -12.33
N GLN B 37 7.26 -7.02 -11.12
CA GLN B 37 6.20 -7.49 -10.24
C GLN B 37 6.18 -6.60 -9.02
N GLN B 38 5.05 -5.93 -8.77
CA GLN B 38 4.93 -4.98 -7.67
C GLN B 38 3.80 -5.40 -6.73
N LYS B 39 4.15 -5.63 -5.48
CA LYS B 39 3.15 -5.78 -4.43
C LYS B 39 2.66 -4.40 -3.98
N PRO B 40 1.41 -4.30 -3.53
CA PRO B 40 0.90 -2.99 -3.10
C PRO B 40 1.71 -2.45 -1.93
N GLY B 41 2.04 -1.16 -2.00
CA GLY B 41 2.84 -0.51 -0.99
C GLY B 41 4.32 -0.82 -1.03
N LYS B 42 4.78 -1.61 -2.00
CA LYS B 42 6.18 -1.95 -2.12
C LYS B 42 6.72 -1.48 -3.46
N ALA B 43 8.05 -1.38 -3.54
CA ALA B 43 8.69 -1.00 -4.79
C ALA B 43 8.65 -2.18 -5.77
N PRO B 44 8.61 -1.90 -7.07
CA PRO B 44 8.54 -2.98 -8.05
C PRO B 44 9.76 -3.89 -7.98
N LYS B 45 9.51 -5.20 -8.10
CA LYS B 45 10.58 -6.20 -8.15
C LYS B 45 10.85 -6.57 -9.60
N LEU B 46 12.13 -6.61 -9.96
CA LEU B 46 12.53 -6.97 -11.32
C LEU B 46 12.36 -8.46 -11.54
N LEU B 47 11.59 -8.83 -12.57
CA LEU B 47 11.43 -10.22 -12.98
C LEU B 47 12.32 -10.58 -14.16
N ILE B 48 12.26 -9.80 -15.24
CA ILE B 48 12.88 -10.15 -16.50
C ILE B 48 13.57 -8.92 -17.08
N TYR B 49 14.82 -9.10 -17.50
CA TYR B 49 15.58 -8.05 -18.17
C TYR B 49 15.89 -8.49 -19.60
N TYR B 50 15.93 -7.51 -20.50
CA TYR B 50 16.14 -7.75 -21.94
C TYR B 50 15.10 -8.72 -22.49
N ALA B 51 13.83 -8.50 -22.11
CA ALA B 51 12.66 -9.12 -22.72
C ALA B 51 12.53 -10.62 -22.47
N SER B 52 13.62 -11.32 -22.20
CA SER B 52 13.53 -12.77 -22.06
C SER B 52 14.48 -13.40 -21.05
N ASN B 53 15.33 -12.63 -20.39
CA ASN B 53 16.27 -13.18 -19.43
C ASN B 53 15.69 -13.09 -18.03
N ARG B 54 15.67 -14.23 -17.33
CA ARG B 54 15.13 -14.29 -15.98
C ARG B 54 16.15 -13.75 -14.99
N TYR B 55 15.74 -12.75 -14.20
CA TYR B 55 16.63 -12.20 -13.18
C TYR B 55 16.93 -13.26 -12.12
N THR B 56 18.12 -13.15 -11.53
CA THR B 56 18.56 -14.14 -10.55
C THR B 56 17.60 -14.21 -9.37
N GLY B 57 17.17 -15.42 -9.04
CA GLY B 57 16.26 -15.64 -7.94
C GLY B 57 14.79 -15.68 -8.30
N VAL B 58 14.44 -15.32 -9.53
CA VAL B 58 13.04 -15.35 -9.96
C VAL B 58 12.64 -16.80 -10.24
N PRO B 59 11.49 -17.26 -9.75
CA PRO B 59 11.10 -18.65 -10.01
C PRO B 59 10.95 -18.92 -11.49
N SER B 60 11.23 -20.18 -11.87
CA SER B 60 11.30 -20.55 -13.27
C SER B 60 9.96 -20.47 -13.98
N ARG B 61 8.85 -20.42 -13.24
CA ARG B 61 7.54 -20.27 -13.89
C ARG B 61 7.39 -18.94 -14.60
N PHE B 62 8.27 -17.97 -14.34
CA PHE B 62 8.24 -16.69 -15.02
C PHE B 62 9.14 -16.72 -16.25
N SER B 63 8.57 -16.39 -17.41
CA SER B 63 9.32 -16.35 -18.66
C SER B 63 8.84 -15.18 -19.50
N GLY B 64 9.75 -14.65 -20.31
CA GLY B 64 9.42 -13.58 -21.22
C GLY B 64 9.94 -13.90 -22.61
N SER B 65 9.35 -13.23 -23.60
CA SER B 65 9.71 -13.45 -24.98
C SER B 65 9.28 -12.28 -25.83
N GLY B 66 9.90 -12.17 -27.00
CA GLY B 66 9.50 -11.18 -27.98
C GLY B 66 10.60 -10.16 -28.23
N SER B 67 10.47 -9.46 -29.35
CA SER B 67 11.36 -8.36 -29.70
C SER B 67 10.62 -7.46 -30.67
N GLY B 68 11.13 -6.26 -30.83
CA GLY B 68 10.51 -5.28 -31.69
C GLY B 68 9.42 -4.49 -30.99
N THR B 69 8.17 -4.91 -31.16
CA THR B 69 7.02 -4.24 -30.57
C THR B 69 6.14 -5.13 -29.72
N ASP B 70 6.03 -6.43 -30.03
CA ASP B 70 5.12 -7.33 -29.34
C ASP B 70 5.89 -8.14 -28.32
N PHE B 71 5.46 -8.08 -27.05
CA PHE B 71 6.14 -8.73 -25.96
C PHE B 71 5.15 -9.47 -25.08
N THR B 72 5.66 -10.48 -24.37
CA THR B 72 4.81 -11.38 -23.60
C THR B 72 5.50 -11.77 -22.30
N LEU B 73 4.77 -11.66 -21.20
CA LEU B 73 5.17 -12.22 -19.92
C LEU B 73 4.27 -13.41 -19.61
N THR B 74 4.89 -14.56 -19.35
CA THR B 74 4.15 -15.81 -19.15
C THR B 74 4.46 -16.38 -17.79
N ILE B 75 3.43 -16.63 -17.00
CA ILE B 75 3.54 -17.36 -15.74
C ILE B 75 3.04 -18.77 -16.03
N SER B 76 3.93 -19.75 -15.97
CA SER B 76 3.59 -21.10 -16.42
C SER B 76 2.55 -21.74 -15.52
N SER B 77 2.66 -21.55 -14.20
CA SER B 77 1.72 -22.13 -13.25
C SER B 77 1.51 -21.11 -12.14
N LEU B 78 0.37 -20.41 -12.19
CA LEU B 78 0.10 -19.32 -11.28
C LEU B 78 0.09 -19.80 -9.83
N GLN B 79 0.67 -18.98 -8.94
CA GLN B 79 0.79 -19.27 -7.53
C GLN B 79 0.12 -18.19 -6.70
N PRO B 80 -0.29 -18.51 -5.46
CA PRO B 80 -0.95 -17.49 -4.63
C PRO B 80 -0.08 -16.26 -4.38
N GLU B 81 1.22 -16.47 -4.15
CA GLU B 81 2.14 -15.36 -3.93
C GLU B 81 2.31 -14.48 -5.15
N ASP B 82 1.73 -14.85 -6.30
CA ASP B 82 1.88 -14.08 -7.53
C ASP B 82 0.88 -12.95 -7.66
N PHE B 83 0.01 -12.75 -6.67
CA PHE B 83 -0.85 -11.58 -6.68
C PHE B 83 0.01 -10.32 -6.67
N ALA B 84 -0.15 -9.50 -7.70
CA ALA B 84 0.62 -8.27 -7.83
C ALA B 84 0.07 -7.49 -9.02
N THR B 85 0.61 -6.30 -9.22
CA THR B 85 0.44 -5.56 -10.46
C THR B 85 1.73 -5.71 -11.26
N TYR B 86 1.61 -6.16 -12.50
CA TYR B 86 2.76 -6.43 -13.35
C TYR B 86 2.88 -5.33 -14.40
N TYR B 87 4.07 -4.74 -14.48
CA TYR B 87 4.35 -3.64 -15.39
C TYR B 87 5.42 -4.05 -16.39
N CYS B 88 5.25 -3.61 -17.64
CA CYS B 88 6.32 -3.66 -18.62
C CYS B 88 6.91 -2.27 -18.78
N GLN B 89 8.20 -2.24 -19.13
CA GLN B 89 8.91 -0.98 -19.27
C GLN B 89 9.98 -1.13 -20.34
N GLN B 90 10.03 -0.17 -21.26
CA GLN B 90 11.07 -0.15 -22.28
C GLN B 90 12.23 0.72 -21.81
N GLY B 91 13.44 0.26 -22.09
CA GLY B 91 14.63 1.04 -21.79
C GLY B 91 15.39 1.38 -23.05
N TYR B 92 14.72 1.21 -24.19
CA TYR B 92 15.40 1.43 -25.46
C TYR B 92 15.60 2.91 -25.74
N ARG B 93 14.62 3.75 -25.40
CA ARG B 93 14.69 5.18 -25.67
C ARG B 93 14.32 5.96 -24.42
N SER B 94 15.11 6.97 -24.12
CA SER B 94 14.72 7.95 -23.10
C SER B 94 13.77 8.97 -23.74
N PRO B 95 12.64 9.30 -23.09
CA PRO B 95 12.24 8.89 -21.74
C PRO B 95 11.78 7.44 -21.63
N TYR B 96 12.16 6.79 -20.53
CA TYR B 96 11.67 5.46 -20.24
C TYR B 96 10.19 5.52 -19.91
N THR B 97 9.42 4.60 -20.50
CA THR B 97 7.97 4.60 -20.37
C THR B 97 7.47 3.25 -19.88
N PHE B 98 6.30 3.27 -19.24
CA PHE B 98 5.71 2.10 -18.62
C PHE B 98 4.39 1.75 -19.27
N GLY B 99 4.04 0.47 -19.22
CA GLY B 99 2.70 0.05 -19.57
C GLY B 99 1.71 0.35 -18.45
N GLY B 100 0.42 0.28 -18.80
CA GLY B 100 -0.61 0.60 -17.83
C GLY B 100 -0.61 -0.33 -16.63
N GLY B 101 -0.11 -1.55 -16.81
CA GLY B 101 -0.05 -2.51 -15.73
C GLY B 101 -1.19 -3.50 -15.77
N THR B 102 -0.90 -4.73 -15.35
CA THR B 102 -1.91 -5.79 -15.26
C THR B 102 -2.04 -6.18 -13.80
N LYS B 103 -3.20 -5.88 -13.21
CA LYS B 103 -3.49 -6.26 -11.83
C LYS B 103 -3.97 -7.70 -11.83
N LEU B 104 -3.14 -8.61 -11.33
CA LEU B 104 -3.41 -10.04 -11.38
C LEU B 104 -4.00 -10.48 -10.05
N GLU B 105 -5.26 -10.92 -10.08
N GLU B 105 -5.26 -10.91 -10.07
CA GLU B 105 -5.96 -11.42 -8.89
CA GLU B 105 -5.94 -11.43 -8.90
C GLU B 105 -6.00 -12.94 -8.93
C GLU B 105 -5.96 -12.95 -8.94
N ILE B 106 -5.87 -13.56 -7.76
CA ILE B 106 -5.95 -15.01 -7.62
C ILE B 106 -7.41 -15.39 -7.41
N LYS B 107 -7.91 -16.29 -8.26
CA LYS B 107 -9.25 -16.82 -8.09
C LYS B 107 -9.20 -18.06 -7.21
N ARG B 108 -9.87 -18.02 -6.07
CA ARG B 108 -9.88 -19.12 -5.12
C ARG B 108 -11.33 -19.50 -4.79
N THR B 109 -11.48 -20.52 -3.97
CA THR B 109 -12.80 -20.94 -3.53
C THR B 109 -13.41 -19.87 -2.62
N VAL B 110 -14.73 -19.94 -2.49
CA VAL B 110 -15.45 -18.97 -1.67
C VAL B 110 -15.08 -19.15 -0.20
N ALA B 111 -14.88 -18.03 0.49
CA ALA B 111 -14.54 -18.06 1.91
C ALA B 111 -15.42 -17.06 2.64
N ALA B 112 -16.10 -17.53 3.69
CA ALA B 112 -16.97 -16.66 4.48
C ALA B 112 -16.14 -15.83 5.46
N PRO B 113 -16.53 -14.58 5.70
CA PRO B 113 -15.78 -13.75 6.64
C PRO B 113 -16.10 -14.08 8.08
N SER B 114 -15.07 -13.96 8.93
CA SER B 114 -15.27 -13.86 10.36
C SER B 114 -15.62 -12.41 10.69
N VAL B 115 -16.67 -12.22 11.50
CA VAL B 115 -17.20 -10.89 11.77
C VAL B 115 -17.00 -10.57 13.24
N PHE B 116 -16.46 -9.39 13.52
CA PHE B 116 -16.27 -8.88 14.86
C PHE B 116 -16.74 -7.44 14.91
N ILE B 117 -17.20 -7.02 16.08
CA ILE B 117 -17.66 -5.65 16.31
C ILE B 117 -16.95 -5.08 17.53
N PHE B 118 -16.53 -3.83 17.44
CA PHE B 118 -15.75 -3.19 18.50
C PHE B 118 -16.44 -1.92 18.96
N PRO B 119 -16.98 -1.88 20.16
CA PRO B 119 -17.56 -0.64 20.68
C PRO B 119 -16.47 0.39 20.92
N PRO B 120 -16.83 1.67 21.02
CA PRO B 120 -15.80 2.71 21.22
C PRO B 120 -15.05 2.52 22.54
N SER B 121 -13.77 2.86 22.51
CA SER B 121 -12.95 2.80 23.71
C SER B 121 -13.30 3.93 24.67
N ASP B 122 -12.99 3.71 25.95
CA ASP B 122 -13.22 4.74 26.95
C ASP B 122 -12.30 5.94 26.73
N GLU B 123 -11.10 5.71 26.21
CA GLU B 123 -10.21 6.83 25.89
C GLU B 123 -10.85 7.77 24.88
N GLN B 124 -11.37 7.22 23.78
CA GLN B 124 -12.00 8.06 22.76
C GLN B 124 -13.26 8.72 23.31
N LEU B 125 -14.04 7.98 24.10
CA LEU B 125 -15.24 8.57 24.69
C LEU B 125 -14.89 9.73 25.62
N LYS B 126 -13.74 9.63 26.31
CA LYS B 126 -13.30 10.73 27.15
C LYS B 126 -12.93 11.96 26.31
N SER B 127 -12.42 11.74 25.10
CA SER B 127 -12.03 12.85 24.23
C SER B 127 -13.22 13.45 23.48
N GLY B 128 -14.39 12.81 23.51
CA GLY B 128 -15.61 13.42 22.98
C GLY B 128 -16.19 12.79 21.73
N THR B 129 -15.55 11.78 21.15
CA THR B 129 -16.09 11.12 19.97
C THR B 129 -16.27 9.63 20.24
N ALA B 130 -16.92 8.96 19.30
CA ALA B 130 -17.23 7.53 19.44
C ALA B 130 -17.20 6.88 18.07
N SER B 131 -16.30 5.93 17.88
CA SER B 131 -16.21 5.16 16.65
C SER B 131 -16.47 3.69 16.94
N VAL B 132 -17.38 3.10 16.17
CA VAL B 132 -17.69 1.68 16.25
C VAL B 132 -17.11 1.01 15.00
N VAL B 133 -16.34 -0.06 15.21
CA VAL B 133 -15.60 -0.73 14.14
C VAL B 133 -16.19 -2.11 13.93
N CYS B 134 -16.51 -2.43 12.67
CA CYS B 134 -16.98 -3.75 12.27
C CYS B 134 -15.92 -4.40 11.39
N LEU B 135 -15.43 -5.56 11.82
CA LEU B 135 -14.33 -6.23 11.14
C LEU B 135 -14.85 -7.44 10.37
N LEU B 136 -14.47 -7.53 9.09
CA LEU B 136 -14.73 -8.68 8.24
C LEU B 136 -13.39 -9.31 7.89
N ASN B 137 -13.19 -10.55 8.33
CA ASN B 137 -11.86 -11.17 8.33
C ASN B 137 -11.81 -12.34 7.36
N ASN B 138 -10.90 -12.25 6.38
CA ASN B 138 -10.51 -13.36 5.51
C ASN B 138 -11.69 -13.96 4.75
N PHE B 139 -12.15 -13.26 3.72
CA PHE B 139 -13.26 -13.72 2.91
C PHE B 139 -12.92 -13.61 1.42
N TYR B 140 -13.67 -14.37 0.61
CA TYR B 140 -13.56 -14.35 -0.84
C TYR B 140 -14.91 -14.76 -1.41
N PRO B 141 -15.38 -14.10 -2.47
CA PRO B 141 -14.74 -12.99 -3.21
C PRO B 141 -14.78 -11.66 -2.49
N ARG B 142 -14.26 -10.63 -3.17
CA ARG B 142 -14.14 -9.31 -2.55
C ARG B 142 -15.50 -8.69 -2.27
N GLU B 143 -16.52 -9.03 -3.06
CA GLU B 143 -17.82 -8.38 -2.95
C GLU B 143 -18.46 -8.70 -1.60
N ALA B 144 -18.72 -7.66 -0.81
CA ALA B 144 -19.39 -7.81 0.48
C ALA B 144 -20.16 -6.54 0.77
N LYS B 145 -21.18 -6.67 1.62
CA LYS B 145 -22.07 -5.56 1.96
C LYS B 145 -22.20 -5.45 3.47
N VAL B 146 -21.88 -4.27 4.00
CA VAL B 146 -21.92 -4.02 5.44
C VAL B 146 -22.97 -2.95 5.71
N GLN B 147 -23.94 -3.28 6.56
CA GLN B 147 -25.03 -2.38 6.91
C GLN B 147 -25.02 -2.12 8.40
N TRP B 148 -25.11 -0.85 8.80
CA TRP B 148 -25.14 -0.46 10.19
C TRP B 148 -26.57 -0.20 10.65
N LYS B 149 -26.89 -0.67 11.85
CA LYS B 149 -28.21 -0.46 12.46
C LYS B 149 -28.02 0.07 13.88
N VAL B 150 -28.65 1.20 14.16
CA VAL B 150 -28.59 1.84 15.47
C VAL B 150 -30.00 1.89 16.03
N ASP B 151 -30.23 1.18 17.14
CA ASP B 151 -31.58 0.93 17.64
C ASP B 151 -32.43 0.32 16.53
N ASN B 152 -31.80 -0.54 15.72
CA ASN B 152 -32.43 -1.22 14.59
C ASN B 152 -32.92 -0.23 13.52
N ALA B 153 -32.29 0.93 13.44
CA ALA B 153 -32.57 1.91 12.39
C ALA B 153 -31.43 1.89 11.40
N LEU B 154 -31.74 1.67 10.12
CA LEU B 154 -30.71 1.56 9.10
C LEU B 154 -29.97 2.89 8.96
N GLN B 155 -28.65 2.83 9.08
CA GLN B 155 -27.81 4.02 9.00
C GLN B 155 -27.41 4.29 7.55
N SER B 156 -27.05 5.54 7.30
CA SER B 156 -26.61 5.95 5.96
C SER B 156 -25.83 7.25 6.07
N GLY B 157 -24.70 7.32 5.36
CA GLY B 157 -23.90 8.52 5.29
C GLY B 157 -22.97 8.77 6.46
N ASN B 158 -22.88 7.86 7.42
CA ASN B 158 -22.07 8.07 8.61
C ASN B 158 -21.11 6.91 8.84
N SER B 159 -20.71 6.20 7.79
CA SER B 159 -19.80 5.08 7.91
C SER B 159 -18.83 5.05 6.75
N GLN B 160 -17.67 4.43 6.99
CA GLN B 160 -16.60 4.35 6.01
C GLN B 160 -15.99 2.96 6.09
N GLU B 161 -15.89 2.29 4.94
CA GLU B 161 -15.30 0.96 4.89
C GLU B 161 -13.99 1.00 4.10
N SER B 162 -13.08 0.09 4.44
CA SER B 162 -11.75 0.02 3.88
C SER B 162 -11.38 -1.45 3.71
N VAL B 163 -10.84 -1.81 2.54
CA VAL B 163 -10.55 -3.20 2.21
C VAL B 163 -9.05 -3.34 2.00
N THR B 164 -8.48 -4.40 2.56
CA THR B 164 -7.09 -4.72 2.33
C THR B 164 -6.89 -5.27 0.91
N GLU B 165 -5.63 -5.31 0.49
CA GLU B 165 -5.31 -5.99 -0.75
C GLU B 165 -5.36 -7.50 -0.54
N GLN B 166 -5.35 -8.24 -1.64
CA GLN B 166 -5.45 -9.70 -1.55
C GLN B 166 -4.25 -10.28 -0.81
N ASP B 167 -4.53 -11.23 0.07
CA ASP B 167 -3.49 -11.89 0.84
C ASP B 167 -2.60 -12.72 -0.08
N SER B 168 -1.29 -12.65 0.13
CA SER B 168 -0.36 -13.43 -0.66
C SER B 168 -0.28 -14.90 -0.21
N LYS B 169 -1.00 -15.28 0.83
CA LYS B 169 -0.99 -16.66 1.31
C LYS B 169 -2.33 -17.37 1.12
N ASP B 170 -3.43 -16.83 1.66
CA ASP B 170 -4.73 -17.47 1.51
C ASP B 170 -5.62 -16.81 0.47
N SER B 171 -5.15 -15.74 -0.16
CA SER B 171 -5.84 -15.12 -1.31
C SER B 171 -7.19 -14.53 -0.93
N THR B 172 -7.38 -14.18 0.33
CA THR B 172 -8.64 -13.61 0.79
C THR B 172 -8.52 -12.10 0.94
N TYR B 173 -9.61 -11.49 1.37
CA TYR B 173 -9.67 -10.06 1.63
C TYR B 173 -10.19 -9.84 3.05
N SER B 174 -9.89 -8.65 3.58
CA SER B 174 -10.40 -8.23 4.88
C SER B 174 -10.92 -6.81 4.76
N LEU B 175 -11.99 -6.52 5.51
CA LEU B 175 -12.68 -5.24 5.41
C LEU B 175 -12.88 -4.64 6.79
N SER B 176 -12.80 -3.32 6.86
CA SER B 176 -12.98 -2.58 8.10
C SER B 176 -13.99 -1.46 7.86
N SER B 177 -15.17 -1.60 8.45
CA SER B 177 -16.24 -0.60 8.35
C SER B 177 -16.39 0.11 9.70
N THR B 178 -16.29 1.43 9.69
CA THR B 178 -16.29 2.23 10.91
C THR B 178 -17.49 3.18 10.93
N LEU B 179 -18.25 3.14 12.02
CA LEU B 179 -19.36 4.06 12.25
C LEU B 179 -18.91 5.14 13.22
N THR B 180 -19.02 6.41 12.80
CA THR B 180 -18.51 7.53 13.58
C THR B 180 -19.67 8.40 14.05
N LEU B 181 -19.76 8.59 15.36
CA LEU B 181 -20.75 9.46 15.97
C LEU B 181 -20.07 10.32 17.02
N SER B 182 -20.69 11.46 17.32
CA SER B 182 -20.28 12.22 18.48
C SER B 182 -20.68 11.47 19.75
N LYS B 183 -19.98 11.78 20.84
CA LYS B 183 -20.30 11.14 22.12
C LYS B 183 -21.75 11.38 22.51
N ALA B 184 -22.26 12.59 22.22
CA ALA B 184 -23.65 12.89 22.56
C ALA B 184 -24.62 12.07 21.74
N ASP B 185 -24.28 11.80 20.47
CA ASP B 185 -25.12 10.94 19.65
C ASP B 185 -25.01 9.48 20.09
N TYR B 186 -23.81 9.05 20.44
CA TYR B 186 -23.62 7.66 20.87
C TYR B 186 -24.42 7.35 22.12
N GLU B 187 -24.51 8.30 23.05
CA GLU B 187 -25.23 8.09 24.29
C GLU B 187 -26.74 8.21 24.12
N LYS B 188 -27.23 8.62 22.95
CA LYS B 188 -28.65 8.72 22.72
C LYS B 188 -29.29 7.38 22.35
N HIS B 189 -28.48 6.36 22.03
CA HIS B 189 -28.98 5.07 21.60
C HIS B 189 -28.24 3.96 22.33
N LYS B 190 -28.83 2.77 22.33
CA LYS B 190 -28.29 1.64 23.08
C LYS B 190 -27.83 0.47 22.23
N VAL B 191 -28.50 0.18 21.11
CA VAL B 191 -28.19 -0.99 20.30
C VAL B 191 -27.39 -0.56 19.07
N TYR B 192 -26.22 -1.15 18.91
CA TYR B 192 -25.36 -0.91 17.75
C TYR B 192 -25.02 -2.24 17.12
N ALA B 193 -25.22 -2.35 15.80
CA ALA B 193 -25.09 -3.62 15.11
C ALA B 193 -24.61 -3.39 13.69
N CYS B 194 -23.74 -4.27 13.22
CA CYS B 194 -23.37 -4.34 11.81
C CYS B 194 -23.78 -5.69 11.25
N GLU B 195 -24.44 -5.65 10.09
CA GLU B 195 -24.97 -6.84 9.44
C GLU B 195 -24.16 -7.09 8.18
N VAL B 196 -23.61 -8.29 8.05
CA VAL B 196 -22.69 -8.63 6.98
C VAL B 196 -23.38 -9.59 6.02
N THR B 197 -23.47 -9.19 4.76
CA THR B 197 -24.00 -10.03 3.68
C THR B 197 -22.85 -10.41 2.77
N HIS B 198 -22.64 -11.71 2.59
CA HIS B 198 -21.56 -12.19 1.72
C HIS B 198 -22.00 -13.49 1.06
N GLN B 199 -21.35 -13.80 -0.07
CA GLN B 199 -21.69 -14.99 -0.83
C GLN B 199 -21.48 -16.26 -0.02
N GLY B 200 -20.41 -16.32 0.76
CA GLY B 200 -20.11 -17.49 1.56
C GLY B 200 -20.95 -17.69 2.79
N LEU B 201 -21.96 -16.84 3.01
CA LEU B 201 -22.84 -16.94 4.17
C LEU B 201 -24.22 -17.35 3.70
N SER B 202 -24.78 -18.39 4.31
CA SER B 202 -26.11 -18.87 3.90
C SER B 202 -27.18 -17.84 4.21
N SER B 203 -26.92 -16.96 5.19
CA SER B 203 -27.83 -15.90 5.57
C SER B 203 -27.00 -14.80 6.22
N PRO B 204 -27.46 -13.55 6.15
CA PRO B 204 -26.66 -12.44 6.71
C PRO B 204 -26.34 -12.65 8.18
N VAL B 205 -25.14 -12.22 8.57
CA VAL B 205 -24.63 -12.37 9.92
C VAL B 205 -24.56 -11.00 10.57
N THR B 206 -25.01 -10.91 11.83
CA THR B 206 -25.04 -9.65 12.55
C THR B 206 -24.31 -9.78 13.87
N LYS B 207 -23.37 -8.85 14.10
CA LYS B 207 -22.73 -8.69 15.39
C LYS B 207 -23.21 -7.39 16.02
N SER B 208 -23.54 -7.43 17.30
CA SER B 208 -24.12 -6.27 17.96
C SER B 208 -23.65 -6.19 19.41
N PHE B 209 -23.91 -5.03 20.01
CA PHE B 209 -23.69 -4.82 21.44
C PHE B 209 -24.66 -3.77 21.93
N ASN B 210 -24.84 -3.71 23.24
CA ASN B 210 -25.71 -2.74 23.89
C ASN B 210 -24.85 -1.78 24.71
N ARG B 211 -24.92 -0.50 24.37
CA ARG B 211 -24.18 0.51 25.12
C ARG B 211 -24.66 0.54 26.56
N GLY B 212 -23.71 0.48 27.50
CA GLY B 212 -24.03 0.44 28.90
C GLY B 212 -24.50 -0.90 29.41
N GLU B 213 -24.47 -1.94 28.57
CA GLU B 213 -24.83 -3.30 28.96
C GLU B 213 -23.62 -4.19 28.70
N CYS B 214 -22.67 -4.17 29.63
CA CYS B 214 -21.46 -4.97 29.46
C CYS B 214 -21.79 -6.44 29.70
C1 GOL C . -1.28 -11.34 6.51
O1 GOL C . -2.18 -11.30 7.56
C2 GOL C . -0.30 -12.52 6.79
O2 GOL C . -0.95 -13.75 6.79
C3 GOL C . 0.75 -12.42 5.66
O3 GOL C . 0.11 -12.73 4.47
C1 PGE D . -6.43 -10.94 3.60
O1 PGE D . -7.68 -10.84 4.27
C2 PGE D . -5.80 -9.57 3.46
O2 PGE D . -4.40 -9.70 3.21
C3 PGE D . -3.58 -9.18 4.23
C4 PGE D . -3.38 -7.69 4.02
O3 PGE D . -3.05 -7.08 5.25
C1 GOL E . -4.56 -27.23 -6.29
O1 GOL E . -5.91 -27.33 -5.91
C2 GOL E . -4.50 -26.66 -7.74
O2 GOL E . -3.60 -25.62 -7.84
C3 GOL E . -5.95 -26.25 -8.10
O3 GOL E . -5.90 -24.92 -8.52
#